data_7NLJ
#
_entry.id   7NLJ
#
_cell.length_a   46.208
_cell.length_b   46.684
_cell.length_c   88.953
_cell.angle_alpha   90.000
_cell.angle_beta   90.000
_cell.angle_gamma   90.000
#
_symmetry.space_group_name_H-M   'P 21 21 21'
#
loop_
_entity.id
_entity.type
_entity.pdbx_description
1 polymer sHMA25
2 polymer APikL2A
3 non-polymer 1,2-ETHANEDIOL
4 water water
#
loop_
_entity_poly.entity_id
_entity_poly.type
_entity_poly.pdbx_seq_one_letter_code
_entity_poly.pdbx_strand_id
1 'polypeptide(L)' GPKQKIVIKATMSNAKSRAQAMVLASKANGVGSVGITGDLKDQLEVVGVGIDIACLVRCLRKKLRYAEIVKVEEVKDK A
2 'polypeptide(L)'
;MQNEYLDAKKHGIDLSRERAPNFVDHPGIPPSDCFWFLYKNYVRQDAGVCQSDWSFDMKIGQYWVTIHTDEGCRLSGIIP
AGWLILGIKRLGF
;
B
#
# COMPACT_ATOMS: atom_id res chain seq x y z
N GLY A 1 1.31 20.18 8.42
CA GLY A 1 0.52 20.37 7.18
C GLY A 1 0.42 19.04 6.44
N PRO A 2 -0.21 18.99 5.24
CA PRO A 2 -0.51 17.73 4.56
C PRO A 2 0.75 16.94 4.15
N LYS A 3 0.73 15.63 4.32
CA LYS A 3 1.78 14.67 3.91
C LYS A 3 1.07 13.51 3.19
N GLN A 4 1.73 12.92 2.20
CA GLN A 4 1.17 11.78 1.43
C GLN A 4 2.01 10.53 1.71
N LYS A 5 1.37 9.36 1.68
CA LYS A 5 2.05 8.05 1.65
C LYS A 5 1.86 7.52 0.24
N ILE A 6 2.95 7.38 -0.48
CA ILE A 6 2.88 7.01 -1.91
C ILE A 6 3.61 5.69 -2.09
N VAL A 7 2.94 4.68 -2.62
CA VAL A 7 3.54 3.38 -2.96
C VAL A 7 3.87 3.34 -4.43
N ILE A 8 5.12 2.96 -4.72
CA ILE A 8 5.60 2.77 -6.10
C ILE A 8 5.88 1.28 -6.28
N LYS A 9 5.31 0.67 -7.30
CA LYS A 9 5.66 -0.73 -7.67
C LYS A 9 6.79 -0.66 -8.68
N ALA A 10 7.77 -1.54 -8.56
CA ALA A 10 8.95 -1.60 -9.45
C ALA A 10 9.47 -3.04 -9.54
N THR A 11 10.32 -3.34 -10.52
CA THR A 11 11.00 -4.65 -10.66
C THR A 11 12.13 -4.68 -9.64
N MET A 12 11.86 -5.26 -8.48
CA MET A 12 12.83 -5.50 -7.39
C MET A 12 12.52 -6.90 -6.91
N SER A 13 13.39 -7.87 -7.19
CA SER A 13 13.19 -9.29 -6.82
C SER A 13 14.29 -9.78 -5.87
N ASN A 14 15.09 -8.89 -5.28
CA ASN A 14 16.18 -9.30 -4.35
C ASN A 14 16.52 -8.12 -3.44
N ALA A 15 17.22 -8.41 -2.35
CA ALA A 15 17.58 -7.38 -1.35
C ALA A 15 18.48 -6.30 -1.98
N LYS A 16 19.37 -6.65 -2.90
CA LYS A 16 20.25 -5.63 -3.53
C LYS A 16 19.42 -4.57 -4.28
N SER A 17 18.51 -4.97 -5.17
CA SER A 17 17.77 -3.97 -5.98
C SER A 17 16.80 -3.24 -5.05
N ARG A 18 16.27 -3.90 -4.02
CA ARG A 18 15.39 -3.23 -3.04
C ARG A 18 16.18 -2.13 -2.32
N ALA A 19 17.39 -2.46 -1.90
CA ALA A 19 18.30 -1.52 -1.23
C ALA A 19 18.56 -0.31 -2.14
N GLN A 20 18.92 -0.55 -3.41
CA GLN A 20 19.20 0.56 -4.37
C GLN A 20 17.98 1.50 -4.47
N ALA A 21 16.77 0.96 -4.57
CA ALA A 21 15.50 1.73 -4.66
C ALA A 21 15.30 2.61 -3.41
N MET A 22 15.47 2.01 -2.24
CA MET A 22 15.37 2.74 -0.97
C MET A 22 16.40 3.86 -0.90
N VAL A 23 17.66 3.60 -1.25
CA VAL A 23 18.67 4.70 -1.18
C VAL A 23 18.24 5.85 -2.12
N LEU A 24 17.85 5.53 -3.35
CA LEU A 24 17.45 6.54 -4.36
C LEU A 24 16.26 7.35 -3.83
N ALA A 25 15.26 6.65 -3.29
CA ALA A 25 14.06 7.32 -2.75
C ALA A 25 14.47 8.21 -1.56
N SER A 26 15.37 7.73 -0.68
CA SER A 26 15.74 8.46 0.55
C SER A 26 16.42 9.77 0.21
N LYS A 27 17.04 9.87 -0.96
CA LYS A 27 17.80 11.08 -1.35
C LYS A 27 16.88 12.16 -1.96
N ALA A 28 15.66 11.80 -2.34
CA ALA A 28 14.73 12.74 -3.02
C ALA A 28 14.21 13.76 -2.00
N ASN A 29 14.18 15.04 -2.40
CA ASN A 29 13.63 16.15 -1.58
C ASN A 29 12.21 15.81 -1.18
N GLY A 30 11.89 16.10 0.07
CA GLY A 30 10.56 15.88 0.64
C GLY A 30 10.35 14.47 1.13
N VAL A 31 11.22 13.52 0.82
CA VAL A 31 10.98 12.13 1.32
C VAL A 31 11.44 12.08 2.77
N GLY A 32 10.50 11.90 3.69
CA GLY A 32 10.76 11.84 5.14
C GLY A 32 11.14 10.41 5.56
N SER A 33 10.58 9.43 4.87
N SER A 33 10.60 9.41 4.87
CA SER A 33 10.72 7.98 5.21
CA SER A 33 10.88 7.98 5.15
C SER A 33 10.43 7.13 3.98
C SER A 33 10.53 7.13 3.94
N VAL A 34 11.02 5.94 3.93
N VAL A 34 11.12 5.94 3.88
CA VAL A 34 10.77 4.96 2.83
CA VAL A 34 10.83 4.92 2.85
C VAL A 34 10.83 3.55 3.42
C VAL A 34 10.73 3.57 3.55
N GLY A 35 9.89 2.69 3.04
CA GLY A 35 9.90 1.27 3.46
C GLY A 35 9.43 0.36 2.35
N ILE A 36 9.85 -0.90 2.42
CA ILE A 36 9.44 -1.96 1.47
C ILE A 36 8.04 -2.41 1.85
N THR A 37 7.19 -2.64 0.85
CA THR A 37 5.85 -3.18 1.10
C THR A 37 5.55 -4.19 -0.01
N GLY A 38 4.39 -4.82 0.10
CA GLY A 38 3.93 -5.73 -0.94
C GLY A 38 4.24 -7.16 -0.61
N ASP A 39 3.32 -8.04 -1.00
CA ASP A 39 3.46 -9.51 -0.78
C ASP A 39 4.79 -9.99 -1.42
N LEU A 40 5.20 -9.42 -2.55
CA LEU A 40 6.45 -9.82 -3.25
C LEU A 40 7.59 -8.84 -2.97
N LYS A 41 7.43 -7.93 -2.04
CA LYS A 41 8.43 -6.88 -1.73
C LYS A 41 8.86 -6.19 -3.02
N ASP A 42 7.88 -5.87 -3.89
CA ASP A 42 8.13 -5.21 -5.19
C ASP A 42 7.62 -3.78 -5.11
N GLN A 43 7.38 -3.30 -3.89
CA GLN A 43 6.82 -1.95 -3.68
C GLN A 43 7.66 -1.23 -2.63
N LEU A 44 7.78 0.08 -2.83
CA LEU A 44 8.28 0.97 -1.79
C LEU A 44 7.31 2.12 -1.55
N GLU A 45 7.12 2.35 -0.27
CA GLU A 45 6.25 3.44 0.19
C GLU A 45 7.13 4.58 0.67
N VAL A 46 6.90 5.76 0.10
CA VAL A 46 7.57 7.00 0.55
C VAL A 46 6.55 7.85 1.26
N VAL A 47 6.98 8.62 2.25
CA VAL A 47 6.09 9.50 3.04
C VAL A 47 6.72 10.88 3.03
N GLY A 48 5.93 11.90 2.74
CA GLY A 48 6.43 13.28 2.79
C GLY A 48 5.55 14.27 2.08
N VAL A 49 5.99 15.51 2.13
CA VAL A 49 5.30 16.65 1.48
C VAL A 49 6.35 17.28 0.58
N GLY A 50 5.91 17.69 -0.60
CA GLY A 50 6.75 18.42 -1.57
C GLY A 50 7.61 17.44 -2.33
N ILE A 51 7.27 16.15 -2.32
CA ILE A 51 8.06 15.14 -3.07
C ILE A 51 7.80 15.37 -4.55
N ASP A 52 8.87 15.40 -5.33
CA ASP A 52 8.77 15.39 -6.81
C ASP A 52 8.59 13.94 -7.27
N ILE A 53 7.35 13.45 -7.29
CA ILE A 53 7.07 11.99 -7.50
C ILE A 53 7.37 11.63 -8.95
N ALA A 54 7.03 12.53 -9.87
CA ALA A 54 7.24 12.30 -11.31
C ALA A 54 8.73 12.01 -11.48
N CYS A 55 9.57 12.88 -10.95
CA CYS A 55 11.05 12.73 -10.96
C CYS A 55 11.46 11.44 -10.26
N LEU A 56 10.93 11.16 -9.08
CA LEU A 56 11.31 9.95 -8.31
C LEU A 56 10.97 8.70 -9.12
N VAL A 57 9.75 8.58 -9.64
CA VAL A 57 9.33 7.45 -10.54
C VAL A 57 10.28 7.38 -11.76
N ARG A 58 10.66 8.52 -12.33
CA ARG A 58 11.56 8.57 -13.53
C ARG A 58 12.93 7.96 -13.19
N CYS A 59 13.53 8.36 -12.06
CA CYS A 59 14.87 7.88 -11.60
C CYS A 59 14.80 6.37 -11.31
N LEU A 60 13.74 5.92 -10.62
CA LEU A 60 13.52 4.48 -10.35
C LEU A 60 13.23 3.76 -11.67
N ARG A 61 12.46 4.35 -12.58
CA ARG A 61 12.11 3.65 -13.84
C ARG A 61 13.39 3.42 -14.65
N LYS A 62 14.33 4.37 -14.61
CA LYS A 62 15.63 4.29 -15.35
C LYS A 62 16.45 3.16 -14.73
N LYS A 63 16.49 3.10 -13.40
CA LYS A 63 17.40 2.19 -12.67
C LYS A 63 16.87 0.76 -12.78
N LEU A 64 15.54 0.58 -12.77
CA LEU A 64 14.88 -0.76 -12.55
C LEU A 64 14.01 -1.18 -13.75
N ARG A 65 13.86 -0.38 -14.81
CA ARG A 65 13.15 -0.75 -16.08
C ARG A 65 11.67 -0.39 -15.96
N TYR A 66 11.01 -0.87 -14.90
CA TYR A 66 9.58 -0.65 -14.58
C TYR A 66 9.44 -0.03 -13.17
N ALA A 67 8.73 1.10 -13.09
CA ALA A 67 8.28 1.69 -11.82
C ALA A 67 7.02 2.51 -12.09
N GLU A 68 6.03 2.41 -11.21
CA GLU A 68 4.81 3.25 -11.35
C GLU A 68 4.14 3.39 -10.00
N ILE A 69 3.43 4.50 -9.81
CA ILE A 69 2.67 4.75 -8.59
C ILE A 69 1.51 3.76 -8.58
N VAL A 70 1.27 3.12 -7.45
CA VAL A 70 0.12 2.17 -7.34
C VAL A 70 -0.76 2.47 -6.12
N LYS A 71 -0.37 3.33 -5.19
CA LYS A 71 -1.23 3.71 -4.06
C LYS A 71 -0.85 5.10 -3.55
N VAL A 72 -1.88 5.86 -3.26
CA VAL A 72 -1.74 7.18 -2.63
C VAL A 72 -2.72 7.24 -1.47
N GLU A 73 -2.21 7.51 -0.28
CA GLU A 73 -3.07 7.75 0.89
C GLU A 73 -2.54 9.00 1.60
N GLU A 74 -3.45 9.90 1.91
CA GLU A 74 -3.07 11.12 2.68
C GLU A 74 -2.77 10.67 4.11
N VAL A 75 -1.78 11.25 4.78
CA VAL A 75 -1.57 10.93 6.23
C VAL A 75 -2.73 11.55 7.00
N LYS A 76 -3.30 10.79 7.93
CA LYS A 76 -4.43 11.23 8.80
C LYS A 76 -3.82 11.69 10.12
N ASP A 77 -3.84 12.98 10.39
CA ASP A 77 -3.11 13.56 11.55
C ASP A 77 -3.74 13.05 12.86
N LYS A 78 -2.91 12.79 13.87
CA LYS A 78 -3.28 12.60 15.30
C LYS A 78 -3.89 11.21 15.48
N ASN B 3 -23.64 -9.11 3.91
CA ASN B 3 -22.23 -9.27 4.35
C ASN B 3 -21.41 -9.93 3.22
N GLU B 4 -20.14 -9.56 3.09
CA GLU B 4 -19.20 -10.01 2.01
C GLU B 4 -17.99 -10.73 2.62
N TYR B 5 -17.73 -10.60 3.93
CA TYR B 5 -16.86 -11.48 4.75
C TYR B 5 -17.46 -12.89 4.81
N LEU B 6 -18.77 -12.95 5.11
CA LEU B 6 -19.62 -14.16 5.01
C LEU B 6 -19.33 -14.88 3.69
N ASP B 7 -19.34 -14.16 2.56
CA ASP B 7 -19.12 -14.73 1.21
C ASP B 7 -17.66 -15.19 1.04
N ALA B 8 -16.70 -14.36 1.48
CA ALA B 8 -15.26 -14.69 1.40
C ALA B 8 -15.05 -16.04 2.09
N LYS B 9 -15.65 -16.18 3.28
CA LYS B 9 -15.53 -17.35 4.18
C LYS B 9 -16.01 -18.61 3.48
N LYS B 10 -16.90 -18.49 2.49
CA LYS B 10 -17.41 -19.62 1.65
C LYS B 10 -16.27 -20.13 0.76
N HIS B 11 -15.39 -19.22 0.33
CA HIS B 11 -14.23 -19.52 -0.55
C HIS B 11 -12.97 -19.75 0.28
N GLY B 12 -13.08 -19.80 1.61
CA GLY B 12 -12.00 -20.23 2.54
C GLY B 12 -11.16 -19.07 3.03
N ILE B 13 -11.55 -17.83 2.72
CA ILE B 13 -10.81 -16.64 3.19
C ILE B 13 -11.20 -16.34 4.65
N ASP B 14 -10.21 -16.35 5.54
CA ASP B 14 -10.37 -15.85 6.93
C ASP B 14 -9.22 -14.87 7.20
N LEU B 15 -9.56 -13.58 7.30
CA LEU B 15 -8.60 -12.47 7.54
C LEU B 15 -7.89 -12.65 8.89
N SER B 16 -8.55 -13.26 9.88
CA SER B 16 -7.99 -13.46 11.24
C SER B 16 -6.83 -14.46 11.17
N ARG B 17 -6.75 -15.27 10.09
CA ARG B 17 -5.66 -16.24 9.92
C ARG B 17 -4.89 -16.01 8.59
N GLU B 18 -4.96 -14.83 7.98
CA GLU B 18 -4.06 -14.44 6.85
C GLU B 18 -2.69 -14.03 7.41
N ARG B 19 -1.59 -14.29 6.69
CA ARG B 19 -0.25 -13.80 7.14
C ARG B 19 -0.27 -12.29 6.98
N ALA B 20 0.28 -11.57 7.96
CA ALA B 20 0.33 -10.11 7.97
C ALA B 20 0.99 -9.62 6.68
N PRO B 21 0.59 -8.43 6.19
CA PRO B 21 1.27 -7.79 5.07
C PRO B 21 2.71 -7.41 5.44
N ASN B 22 3.51 -7.12 4.43
CA ASN B 22 4.84 -6.50 4.59
C ASN B 22 4.62 -4.99 4.59
N PHE B 23 5.07 -4.30 5.61
CA PHE B 23 4.93 -2.83 5.68
C PHE B 23 5.93 -2.28 6.67
N VAL B 24 6.05 -0.95 6.77
CA VAL B 24 6.82 -0.32 7.87
C VAL B 24 5.88 0.69 8.51
N ASP B 25 6.04 0.85 9.81
CA ASP B 25 5.53 2.02 10.55
C ASP B 25 6.56 3.12 10.36
N HIS B 26 6.20 4.10 9.57
CA HIS B 26 7.09 5.25 9.28
C HIS B 26 7.24 6.11 10.53
N PRO B 27 8.43 6.62 10.79
CA PRO B 27 8.64 7.60 11.85
C PRO B 27 7.87 8.92 11.58
N GLY B 28 7.33 9.52 12.64
CA GLY B 28 6.76 10.89 12.62
C GLY B 28 5.30 10.94 12.21
N ILE B 29 4.67 9.81 11.87
CA ILE B 29 3.23 9.77 11.52
C ILE B 29 2.56 8.67 12.33
N PRO B 30 1.23 8.72 12.55
CA PRO B 30 0.54 7.66 13.26
C PRO B 30 0.66 6.35 12.50
N PRO B 31 0.92 5.21 13.17
CA PRO B 31 0.80 3.91 12.52
C PRO B 31 -0.60 3.66 11.94
N SER B 32 -0.65 3.00 10.78
CA SER B 32 -1.90 2.56 10.14
C SER B 32 -2.49 1.46 11.02
N ASP B 33 -3.81 1.49 11.24
CA ASP B 33 -4.50 0.60 12.21
C ASP B 33 -5.31 -0.49 11.50
N CYS B 34 -5.33 -0.49 10.16
CA CYS B 34 -6.09 -1.44 9.32
C CYS B 34 -5.16 -2.24 8.40
N PHE B 35 -5.43 -3.52 8.25
CA PHE B 35 -4.82 -4.35 7.20
C PHE B 35 -5.85 -4.50 6.09
N TRP B 36 -5.39 -4.45 4.85
CA TRP B 36 -6.20 -4.80 3.67
C TRP B 36 -5.54 -5.96 2.94
N PHE B 37 -6.40 -6.83 2.43
CA PHE B 37 -6.00 -8.00 1.64
C PHE B 37 -6.74 -7.98 0.29
N LEU B 38 -5.99 -8.18 -0.79
CA LEU B 38 -6.52 -8.03 -2.17
C LEU B 38 -6.47 -9.39 -2.87
N TYR B 39 -7.61 -9.83 -3.39
CA TYR B 39 -7.81 -11.17 -4.02
C TYR B 39 -8.27 -11.00 -5.45
N LYS B 40 -7.79 -11.83 -6.37
CA LYS B 40 -8.29 -11.93 -7.75
C LYS B 40 -8.79 -13.34 -7.94
N ASN B 41 -10.04 -13.50 -8.40
CA ASN B 41 -10.70 -14.82 -8.48
C ASN B 41 -10.42 -15.53 -7.14
N TYR B 42 -10.50 -14.77 -6.05
CA TYR B 42 -10.48 -15.27 -4.66
C TYR B 42 -9.07 -15.72 -4.25
N VAL B 43 -8.04 -15.44 -5.07
CA VAL B 43 -6.63 -15.79 -4.74
C VAL B 43 -5.93 -14.50 -4.28
N ARG B 44 -5.28 -14.54 -3.12
CA ARG B 44 -4.50 -13.39 -2.56
C ARG B 44 -3.47 -12.95 -3.59
N GLN B 45 -3.47 -11.67 -3.95
CA GLN B 45 -2.46 -11.07 -4.87
C GLN B 45 -1.55 -10.12 -4.08
N ASP B 46 -2.08 -9.44 -3.08
CA ASP B 46 -1.29 -8.43 -2.34
C ASP B 46 -1.99 -8.12 -1.03
N ALA B 47 -1.31 -7.39 -0.15
CA ALA B 47 -1.84 -6.95 1.14
C ALA B 47 -1.03 -5.73 1.56
N GLY B 48 -1.64 -4.92 2.42
CA GLY B 48 -0.99 -3.71 2.93
C GLY B 48 -1.71 -3.15 4.12
N VAL B 49 -1.45 -1.88 4.41
CA VAL B 49 -2.07 -1.25 5.58
C VAL B 49 -2.78 0.00 5.10
N CYS B 50 -3.72 0.49 5.88
CA CYS B 50 -4.40 1.78 5.62
C CYS B 50 -4.96 2.35 6.92
N GLN B 51 -5.43 3.58 6.90
CA GLN B 51 -5.95 4.25 8.13
C GLN B 51 -7.47 4.09 8.16
N SER B 52 -8.00 3.74 9.33
CA SER B 52 -9.45 3.63 9.59
C SER B 52 -10.13 4.99 9.38
N ASP B 53 -11.42 4.97 9.04
CA ASP B 53 -12.26 6.18 8.93
C ASP B 53 -11.53 7.16 8.03
N TRP B 54 -11.26 6.76 6.79
CA TRP B 54 -10.40 7.49 5.83
C TRP B 54 -10.64 6.89 4.44
N SER B 55 -9.75 7.16 3.50
CA SER B 55 -9.82 6.54 2.16
C SER B 55 -8.43 6.56 1.56
N PHE B 56 -8.25 5.80 0.50
CA PHE B 56 -7.01 5.80 -0.29
C PHE B 56 -7.33 5.45 -1.72
N ASP B 57 -6.42 5.79 -2.62
CA ASP B 57 -6.56 5.44 -4.04
C ASP B 57 -5.57 4.31 -4.31
N MET B 58 -5.95 3.30 -5.08
CA MET B 58 -5.04 2.21 -5.43
C MET B 58 -5.27 1.76 -6.86
N LYS B 59 -4.21 1.33 -7.52
CA LYS B 59 -4.29 0.75 -8.86
C LYS B 59 -4.47 -0.76 -8.69
N ILE B 60 -5.58 -1.25 -9.20
CA ILE B 60 -5.96 -2.70 -9.22
C ILE B 60 -6.07 -3.03 -10.69
N GLY B 61 -5.12 -3.82 -11.21
CA GLY B 61 -5.00 -4.13 -12.66
C GLY B 61 -4.83 -2.83 -13.42
N GLN B 62 -5.74 -2.52 -14.34
CA GLN B 62 -5.69 -1.32 -15.21
C GLN B 62 -6.34 -0.11 -14.54
N TYR B 63 -6.94 -0.30 -13.37
CA TYR B 63 -7.97 0.60 -12.79
C TYR B 63 -7.46 1.31 -11.56
N TRP B 64 -7.50 2.65 -11.58
CA TRP B 64 -7.42 3.44 -10.34
C TRP B 64 -8.77 3.40 -9.65
N VAL B 65 -8.77 3.02 -8.40
CA VAL B 65 -9.99 2.86 -7.55
C VAL B 65 -9.83 3.70 -6.29
N THR B 66 -10.92 4.29 -5.81
CA THR B 66 -10.92 4.85 -4.45
C THR B 66 -11.52 3.81 -3.50
N ILE B 67 -10.81 3.52 -2.43
CA ILE B 67 -11.21 2.59 -1.37
C ILE B 67 -11.48 3.44 -0.13
N HIS B 68 -12.71 3.37 0.35
CA HIS B 68 -13.13 3.95 1.63
C HIS B 68 -12.96 2.93 2.75
N THR B 69 -12.44 3.39 3.88
CA THR B 69 -12.12 2.54 5.04
C THR B 69 -12.95 3.09 6.21
N ASP B 70 -13.90 2.34 6.73
CA ASP B 70 -14.76 2.91 7.79
C ASP B 70 -14.06 2.76 9.16
N GLU B 71 -14.72 3.14 10.23
CA GLU B 71 -14.10 3.21 11.58
C GLU B 71 -13.65 1.83 12.02
N GLY B 72 -14.24 0.77 11.46
CA GLY B 72 -13.89 -0.61 11.82
C GLY B 72 -13.06 -1.33 10.76
N CYS B 73 -12.47 -0.61 9.79
CA CYS B 73 -11.59 -1.16 8.73
C CYS B 73 -12.42 -1.92 7.69
N ARG B 74 -13.74 -1.75 7.65
CA ARG B 74 -14.50 -2.30 6.51
C ARG B 74 -14.22 -1.43 5.26
N LEU B 75 -13.97 -2.08 4.14
CA LEU B 75 -13.58 -1.43 2.88
C LEU B 75 -14.73 -1.40 1.88
N SER B 76 -14.89 -0.28 1.20
CA SER B 76 -15.93 -0.19 0.15
C SER B 76 -15.38 0.60 -1.02
N GLY B 77 -16.04 0.48 -2.17
CA GLY B 77 -15.50 1.09 -3.38
C GLY B 77 -15.87 0.28 -4.59
N ILE B 78 -15.74 0.86 -5.78
CA ILE B 78 -16.11 0.21 -7.05
C ILE B 78 -14.85 -0.48 -7.55
N ILE B 79 -14.68 -1.77 -7.33
CA ILE B 79 -13.40 -2.33 -7.81
C ILE B 79 -13.69 -3.26 -8.98
N PRO B 80 -12.68 -3.49 -9.83
CA PRO B 80 -12.89 -4.20 -11.09
C PRO B 80 -13.36 -5.65 -10.89
N ALA B 81 -14.06 -6.18 -11.89
CA ALA B 81 -14.61 -7.54 -11.90
C ALA B 81 -13.47 -8.53 -11.65
N GLY B 82 -13.70 -9.52 -10.79
CA GLY B 82 -12.70 -10.57 -10.48
C GLY B 82 -11.92 -10.24 -9.23
N TRP B 83 -11.92 -8.96 -8.82
CA TRP B 83 -11.13 -8.54 -7.65
C TRP B 83 -12.03 -8.38 -6.42
N LEU B 84 -11.46 -8.55 -5.24
CA LEU B 84 -12.11 -8.44 -3.92
C LEU B 84 -11.10 -7.81 -2.98
N ILE B 85 -11.46 -6.77 -2.25
CA ILE B 85 -10.52 -6.23 -1.23
C ILE B 85 -11.23 -6.25 0.13
N LEU B 86 -10.53 -6.72 1.18
CA LEU B 86 -11.16 -6.94 2.51
C LEU B 86 -10.26 -6.35 3.58
N GLY B 87 -10.87 -5.72 4.56
CA GLY B 87 -10.15 -5.03 5.65
C GLY B 87 -10.48 -5.59 7.03
N ILE B 88 -9.54 -5.41 7.94
CA ILE B 88 -9.66 -5.85 9.34
C ILE B 88 -8.77 -4.95 10.19
N LYS B 89 -9.10 -4.80 11.45
CA LYS B 89 -8.24 -4.03 12.37
C LYS B 89 -6.90 -4.75 12.45
N ARG B 90 -5.85 -3.97 12.33
CA ARG B 90 -4.53 -4.48 12.70
C ARG B 90 -4.58 -5.02 14.13
N LEU B 91 -3.96 -6.17 14.35
CA LEU B 91 -4.08 -6.85 15.63
C LEU B 91 -3.50 -5.93 16.73
N GLY B 92 -4.28 -5.69 17.78
CA GLY B 92 -3.91 -4.80 18.91
C GLY B 92 -4.31 -3.35 18.67
N PHE B 93 -4.98 -3.07 17.56
CA PHE B 93 -5.62 -1.75 17.33
C PHE B 93 -7.14 -1.86 17.42
#